data_1WKY
#
_entry.id   1WKY
#
_cell.length_a   70.682
_cell.length_b   79.480
_cell.length_c   80.418
_cell.angle_alpha   90.00
_cell.angle_beta   90.00
_cell.angle_gamma   90.00
#
_symmetry.space_group_name_H-M   'P 21 21 21'
#
loop_
_entity.id
_entity.type
_entity.pdbx_description
1 polymer endo-beta-1,4-Mannanase
2 non-polymer 'CHLORIDE ION'
3 non-polymer 'CALCIUM ION'
4 non-polymer 'SODIUM ION'
5 water water
#
_entity_poly.entity_id   1
_entity_poly.type   'polypeptide(L)'
_entity_poly.pdbx_seq_one_letter_code
;GRPANANSGFYVSGTTLYDANGNPFVMRGINHGHAWYKDQATTAIEGIANTGANTVRIVLSDGGQWTKDDIQTVRNLISL
AEDNNLVAVLEVHDATGYDSIASLNRAVDYWIEMRSALIGKEDTVIINIANEWFGSWDGAAWADGYKQAIPRLRNAGLNN
TLMIDAAGWGQFPQSIHDYGREVFNADPQRNTMFSIHMYEYAGGNASQVRTNIDRVLNQDLALVIGEFGHRHTNGDVDES
TIMSYSEQRGVGWLAWSWKGNGPEWEYLDLSNDWAGNNLTAWGNTIVNGPYGLRETSKLSTVFTGGGSDGRTSPTTLYDF
EESTQGWTGSSLSRGPWTVTEWSSKGNHSLKADIQMSSNSQHYLHVIQNRSLQQNSRIQATVKHANWGSVGNGMTARLYV
KTGHGYTWYSGSFVPINGSSGTTLSLDLSNVQNLSQVREIGVQFQSESNSSGQTSIYIDNVIVE
;
_entity_poly.pdbx_strand_id   A
#
loop_
_chem_comp.id
_chem_comp.type
_chem_comp.name
_chem_comp.formula
CA non-polymer 'CALCIUM ION' 'Ca 2'
CL non-polymer 'CHLORIDE ION' 'Cl -1'
NA non-polymer 'SODIUM ION' 'Na 1'
#
# COMPACT_ATOMS: atom_id res chain seq x y z
N GLY A 1 -11.47 -15.17 4.94
CA GLY A 1 -10.78 -16.49 4.88
C GLY A 1 -11.75 -17.64 5.01
N ARG A 2 -11.24 -18.87 5.02
CA ARG A 2 -12.10 -20.03 5.14
C ARG A 2 -12.59 -20.19 6.57
N PRO A 3 -13.76 -20.83 6.76
CA PRO A 3 -14.34 -21.05 8.08
C PRO A 3 -13.33 -21.48 9.13
N ALA A 4 -13.50 -21.00 10.36
CA ALA A 4 -12.61 -21.36 11.46
C ALA A 4 -12.81 -22.83 11.83
N ASN A 5 -14.01 -23.34 11.55
CA ASN A 5 -14.33 -24.72 11.83
C ASN A 5 -14.82 -25.44 10.57
N SER A 8 -5.89 3.09 -24.39
CA SER A 8 -4.73 3.55 -23.65
C SER A 8 -5.01 3.55 -22.16
N GLY A 9 -4.28 2.72 -21.42
CA GLY A 9 -4.48 2.64 -19.99
C GLY A 9 -3.37 1.89 -19.29
N PHE A 10 -3.69 1.26 -18.17
CA PHE A 10 -2.71 0.51 -17.41
C PHE A 10 -2.07 -0.59 -18.25
N TYR A 11 -0.81 -0.86 -17.99
CA TYR A 11 -0.11 -1.93 -18.68
C TYR A 11 1.01 -2.44 -17.80
N VAL A 12 1.34 -3.71 -17.99
CA VAL A 12 2.39 -4.37 -17.23
C VAL A 12 3.63 -4.53 -18.08
N SER A 13 4.79 -4.31 -17.46
CA SER A 13 6.07 -4.49 -18.12
C SER A 13 6.96 -5.09 -17.05
N GLY A 14 7.17 -6.40 -17.15
CA GLY A 14 7.99 -7.06 -16.16
C GLY A 14 7.27 -7.02 -14.82
N THR A 15 8.00 -6.65 -13.77
CA THR A 15 7.43 -6.59 -12.43
C THR A 15 6.79 -5.25 -12.10
N THR A 16 6.67 -4.38 -13.10
CA THR A 16 6.08 -3.06 -12.85
C THR A 16 4.75 -2.83 -13.55
N LEU A 17 3.82 -2.22 -12.83
CA LEU A 17 2.51 -1.87 -13.39
C LEU A 17 2.64 -0.38 -13.70
N TYR A 18 2.39 0.00 -14.94
CA TYR A 18 2.48 1.41 -15.33
C TYR A 18 1.11 2.02 -15.59
N ASP A 19 0.93 3.28 -15.22
CA ASP A 19 -0.33 3.94 -15.48
C ASP A 19 -0.33 4.39 -16.94
N ALA A 20 -1.45 4.91 -17.41
CA ALA A 20 -1.59 5.33 -18.80
C ALA A 20 -0.57 6.34 -19.32
N ASN A 21 0.10 7.04 -18.41
CA ASN A 21 1.09 8.04 -18.78
C ASN A 21 2.50 7.46 -18.82
N GLY A 22 2.62 6.17 -18.52
CA GLY A 22 3.91 5.53 -18.53
C GLY A 22 4.67 5.69 -17.22
N ASN A 23 3.96 6.02 -16.15
CA ASN A 23 4.57 6.19 -14.84
C ASN A 23 4.22 5.02 -13.93
N PRO A 24 5.23 4.42 -13.27
CA PRO A 24 4.97 3.29 -12.38
C PRO A 24 3.87 3.60 -11.37
N PHE A 25 2.98 2.65 -11.14
CA PHE A 25 1.91 2.84 -10.19
C PHE A 25 2.02 1.77 -9.11
N VAL A 26 2.13 2.21 -7.86
CA VAL A 26 2.25 1.29 -6.74
C VAL A 26 1.00 1.42 -5.88
N MET A 27 0.12 0.43 -5.96
CA MET A 27 -1.12 0.45 -5.20
C MET A 27 -0.91 0.58 -3.69
N ARG A 28 -1.63 1.52 -3.10
CA ARG A 28 -1.60 1.77 -1.66
C ARG A 28 -3.06 2.06 -1.36
N GLY A 29 -3.81 1.02 -1.01
CA GLY A 29 -5.22 1.23 -0.79
C GLY A 29 -5.98 0.36 0.18
N ILE A 30 -7.30 0.36 0.01
CA ILE A 30 -8.21 -0.33 0.90
C ILE A 30 -9.32 -1.10 0.17
N ASN A 31 -9.70 -2.23 0.76
CA ASN A 31 -10.77 -3.08 0.25
C ASN A 31 -12.09 -2.58 0.86
N HIS A 32 -13.14 -2.50 0.04
CA HIS A 32 -14.45 -2.09 0.54
C HIS A 32 -15.48 -3.15 0.15
N GLY A 33 -16.16 -3.72 1.14
CA GLY A 33 -17.16 -4.76 0.91
C GLY A 33 -18.50 -4.25 0.39
N HIS A 34 -18.46 -3.59 -0.75
CA HIS A 34 -19.66 -3.03 -1.37
C HIS A 34 -20.85 -3.99 -1.52
N ALA A 35 -20.58 -5.18 -2.06
CA ALA A 35 -21.65 -6.14 -2.32
C ALA A 35 -22.59 -6.43 -1.17
N TRP A 36 -22.08 -6.37 0.06
CA TRP A 36 -22.87 -6.66 1.25
C TRP A 36 -23.50 -5.44 1.89
N TYR A 37 -22.99 -4.26 1.51
CA TYR A 37 -23.45 -2.98 2.05
C TYR A 37 -23.57 -1.99 0.89
N LYS A 38 -24.46 -2.28 -0.05
CA LYS A 38 -24.62 -1.44 -1.24
C LYS A 38 -24.93 0.04 -1.01
N ASP A 39 -25.69 0.36 0.04
CA ASP A 39 -26.06 1.76 0.29
C ASP A 39 -24.91 2.61 0.82
N GLN A 40 -23.80 1.99 1.18
CA GLN A 40 -22.66 2.74 1.73
C GLN A 40 -21.64 3.16 0.67
N ALA A 41 -21.93 2.90 -0.60
CA ALA A 41 -21.00 3.23 -1.68
C ALA A 41 -20.37 4.61 -1.64
N THR A 42 -21.19 5.65 -1.67
CA THR A 42 -20.66 7.02 -1.65
C THR A 42 -19.90 7.33 -0.37
N THR A 43 -20.53 7.07 0.77
CA THR A 43 -19.91 7.36 2.06
C THR A 43 -18.55 6.65 2.21
N ALA A 44 -18.51 5.37 1.90
CA ALA A 44 -17.29 4.59 2.03
C ALA A 44 -16.17 5.00 1.06
N ILE A 45 -16.49 5.17 -0.21
CA ILE A 45 -15.47 5.54 -1.17
C ILE A 45 -14.91 6.93 -0.91
N GLU A 46 -15.75 7.88 -0.50
CA GLU A 46 -15.25 9.21 -0.20
C GLU A 46 -14.40 9.12 1.07
N GLY A 47 -14.83 8.28 2.01
CA GLY A 47 -14.09 8.10 3.24
C GLY A 47 -12.72 7.51 2.97
N ILE A 48 -12.67 6.54 2.06
CA ILE A 48 -11.42 5.89 1.70
C ILE A 48 -10.50 6.87 0.98
N ALA A 49 -11.08 7.76 0.18
CA ALA A 49 -10.28 8.74 -0.55
C ALA A 49 -9.61 9.70 0.45
N ASN A 50 -10.33 10.03 1.49
N ASN A 50 -10.32 10.04 1.52
CA ASN A 50 -9.81 10.94 2.51
CA ASN A 50 -9.78 10.96 2.52
C ASN A 50 -8.61 10.41 3.29
C ASN A 50 -8.58 10.41 3.29
N THR A 51 -8.36 9.10 3.23
CA THR A 51 -7.22 8.49 3.93
C THR A 51 -5.93 8.70 3.15
N GLY A 52 -6.06 9.10 1.88
CA GLY A 52 -4.88 9.30 1.06
C GLY A 52 -4.62 8.09 0.18
N ALA A 53 -5.48 7.09 0.25
CA ALA A 53 -5.35 5.88 -0.56
C ALA A 53 -5.39 6.25 -2.03
N ASN A 54 -4.71 5.48 -2.87
CA ASN A 54 -4.71 5.76 -4.30
C ASN A 54 -5.50 4.70 -5.07
N THR A 55 -6.00 3.71 -4.35
CA THR A 55 -6.75 2.61 -4.95
C THR A 55 -7.78 2.05 -3.98
N VAL A 56 -8.90 1.59 -4.52
CA VAL A 56 -9.94 0.96 -3.69
C VAL A 56 -10.32 -0.33 -4.40
N ARG A 57 -10.31 -1.44 -3.68
CA ARG A 57 -10.70 -2.72 -4.24
C ARG A 57 -12.15 -2.87 -3.83
N ILE A 58 -13.02 -2.98 -4.83
CA ILE A 58 -14.46 -3.07 -4.61
C ILE A 58 -15.05 -4.46 -4.80
N VAL A 59 -15.67 -4.97 -3.74
CA VAL A 59 -16.30 -6.28 -3.74
C VAL A 59 -17.63 -6.24 -4.49
N LEU A 60 -17.71 -7.01 -5.57
CA LEU A 60 -18.93 -7.10 -6.37
C LEU A 60 -19.50 -8.51 -6.30
N SER A 61 -20.79 -8.65 -6.57
CA SER A 61 -21.42 -9.96 -6.57
C SER A 61 -21.99 -10.23 -7.95
N ASP A 62 -21.79 -11.45 -8.46
CA ASP A 62 -22.35 -11.80 -9.75
C ASP A 62 -23.65 -12.56 -9.54
N GLY A 63 -24.17 -12.49 -8.32
CA GLY A 63 -25.43 -13.16 -8.01
C GLY A 63 -25.30 -14.61 -7.55
N GLY A 64 -24.08 -15.11 -7.47
CA GLY A 64 -23.87 -16.48 -7.02
C GLY A 64 -24.21 -16.70 -5.55
N GLN A 65 -23.86 -15.75 -4.69
CA GLN A 65 -24.13 -15.87 -3.27
C GLN A 65 -24.90 -14.68 -2.70
N TRP A 66 -24.73 -13.51 -3.29
CA TRP A 66 -25.40 -12.31 -2.80
C TRP A 66 -26.20 -11.63 -3.89
N THR A 67 -26.63 -10.40 -3.65
CA THR A 67 -27.40 -9.67 -4.65
C THR A 67 -26.49 -9.20 -5.78
N LYS A 68 -26.76 -9.67 -6.98
CA LYS A 68 -25.96 -9.29 -8.13
C LYS A 68 -25.90 -7.78 -8.29
N ASP A 69 -24.71 -7.25 -8.58
CA ASP A 69 -24.54 -5.82 -8.77
C ASP A 69 -24.76 -5.54 -10.25
N ASP A 70 -25.84 -4.82 -10.56
CA ASP A 70 -26.17 -4.54 -11.95
C ASP A 70 -25.24 -3.53 -12.60
N ILE A 71 -25.33 -3.41 -13.91
CA ILE A 71 -24.45 -2.53 -14.66
C ILE A 71 -24.52 -1.06 -14.25
N GLN A 72 -25.67 -0.59 -13.79
CA GLN A 72 -25.77 0.80 -13.37
C GLN A 72 -24.97 0.98 -12.08
N THR A 73 -24.99 -0.04 -11.24
CA THR A 73 -24.26 0.00 -9.98
C THR A 73 -22.77 0.00 -10.28
N VAL A 74 -22.34 -0.87 -11.20
CA VAL A 74 -20.94 -0.93 -11.59
C VAL A 74 -20.49 0.43 -12.12
N ARG A 75 -21.29 1.03 -13.01
CA ARG A 75 -20.94 2.34 -13.54
C ARG A 75 -20.84 3.38 -12.44
N ASN A 76 -21.76 3.33 -11.49
CA ASN A 76 -21.76 4.29 -10.38
C ASN A 76 -20.52 4.15 -9.50
N LEU A 77 -20.12 2.91 -9.24
CA LEU A 77 -18.95 2.66 -8.41
C LEU A 77 -17.69 3.16 -9.09
N ILE A 78 -17.58 2.96 -10.40
CA ILE A 78 -16.42 3.43 -11.14
C ILE A 78 -16.39 4.96 -11.10
N SER A 79 -17.56 5.57 -11.24
CA SER A 79 -17.67 7.03 -11.21
C SER A 79 -17.22 7.57 -9.86
N LEU A 80 -17.66 6.93 -8.78
CA LEU A 80 -17.27 7.36 -7.43
C LEU A 80 -15.76 7.28 -7.25
N ALA A 81 -15.17 6.19 -7.72
CA ALA A 81 -13.72 6.02 -7.61
C ALA A 81 -13.03 7.13 -8.38
N GLU A 82 -13.38 7.28 -9.66
CA GLU A 82 -12.79 8.29 -10.52
C GLU A 82 -12.95 9.71 -9.97
N ASP A 83 -14.16 10.06 -9.55
CA ASP A 83 -14.43 11.38 -9.03
C ASP A 83 -13.56 11.69 -7.80
N ASN A 84 -13.09 10.65 -7.13
CA ASN A 84 -12.26 10.82 -5.95
C ASN A 84 -10.80 10.47 -6.19
N ASN A 85 -10.41 10.46 -7.47
CA ASN A 85 -9.05 10.17 -7.89
C ASN A 85 -8.51 8.83 -7.39
N LEU A 86 -9.39 7.83 -7.36
CA LEU A 86 -9.00 6.51 -6.91
C LEU A 86 -9.05 5.52 -8.06
N VAL A 87 -8.05 4.65 -8.13
CA VAL A 87 -8.01 3.61 -9.13
C VAL A 87 -8.96 2.57 -8.56
N ALA A 88 -9.79 1.98 -9.43
CA ALA A 88 -10.74 0.98 -8.96
C ALA A 88 -10.36 -0.43 -9.37
N VAL A 89 -10.16 -1.29 -8.38
CA VAL A 89 -9.88 -2.70 -8.67
C VAL A 89 -11.20 -3.38 -8.36
N LEU A 90 -11.90 -3.82 -9.40
CA LEU A 90 -13.20 -4.49 -9.22
C LEU A 90 -12.97 -5.98 -9.15
N GLU A 91 -13.70 -6.66 -8.27
CA GLU A 91 -13.56 -8.10 -8.14
C GLU A 91 -14.90 -8.77 -7.86
N VAL A 92 -15.09 -9.98 -8.40
CA VAL A 92 -16.32 -10.76 -8.19
C VAL A 92 -16.00 -11.71 -7.04
N HIS A 93 -16.80 -11.64 -5.98
CA HIS A 93 -16.58 -12.40 -4.75
C HIS A 93 -17.29 -13.75 -4.58
N ASP A 94 -18.29 -14.03 -5.42
CA ASP A 94 -19.08 -15.25 -5.25
C ASP A 94 -18.41 -16.61 -5.45
N ALA A 95 -17.19 -16.62 -5.96
CA ALA A 95 -16.48 -17.88 -6.17
C ALA A 95 -15.38 -18.09 -5.14
N THR A 96 -15.40 -17.28 -4.08
CA THR A 96 -14.39 -17.36 -3.03
C THR A 96 -14.25 -18.75 -2.42
N GLY A 97 -13.05 -19.34 -2.57
CA GLY A 97 -12.80 -20.66 -2.03
C GLY A 97 -13.27 -21.85 -2.85
N TYR A 98 -14.01 -21.58 -3.92
CA TYR A 98 -14.52 -22.64 -4.79
C TYR A 98 -13.47 -23.21 -5.72
N ASP A 99 -13.58 -24.50 -6.04
CA ASP A 99 -12.66 -25.15 -6.97
C ASP A 99 -13.37 -25.36 -8.31
N SER A 100 -14.69 -25.21 -8.31
CA SER A 100 -15.48 -25.41 -9.52
C SER A 100 -15.18 -24.45 -10.67
N ILE A 101 -15.14 -24.99 -11.88
CA ILE A 101 -14.90 -24.17 -13.06
C ILE A 101 -16.17 -23.37 -13.32
N ALA A 102 -17.31 -23.92 -12.88
CA ALA A 102 -18.60 -23.27 -13.05
C ALA A 102 -18.61 -21.90 -12.36
N SER A 103 -18.09 -21.86 -11.14
CA SER A 103 -18.06 -20.60 -10.39
C SER A 103 -17.15 -19.58 -11.07
N LEU A 104 -16.02 -20.03 -11.59
CA LEU A 104 -15.11 -19.11 -12.27
C LEU A 104 -15.74 -18.64 -13.57
N ASN A 105 -16.40 -19.55 -14.29
CA ASN A 105 -17.04 -19.16 -15.54
C ASN A 105 -18.17 -18.16 -15.33
N ARG A 106 -18.84 -18.27 -14.18
CA ARG A 106 -19.92 -17.33 -13.88
C ARG A 106 -19.32 -15.94 -13.70
N ALA A 107 -18.14 -15.88 -13.07
CA ALA A 107 -17.49 -14.59 -12.86
C ALA A 107 -17.06 -14.00 -14.22
N VAL A 108 -16.54 -14.87 -15.09
CA VAL A 108 -16.10 -14.42 -16.41
C VAL A 108 -17.32 -13.92 -17.19
N ASP A 109 -18.41 -14.67 -17.13
CA ASP A 109 -19.63 -14.27 -17.83
C ASP A 109 -20.11 -12.92 -17.32
N TYR A 110 -19.89 -12.66 -16.04
CA TYR A 110 -20.29 -11.39 -15.44
C TYR A 110 -19.50 -10.23 -16.03
N TRP A 111 -18.18 -10.37 -16.10
CA TRP A 111 -17.36 -9.30 -16.67
C TRP A 111 -17.73 -9.03 -18.11
N ILE A 112 -18.05 -10.09 -18.85
CA ILE A 112 -18.43 -9.94 -20.25
C ILE A 112 -19.76 -9.20 -20.33
N GLU A 113 -20.70 -9.54 -19.46
CA GLU A 113 -22.01 -8.88 -19.44
C GLU A 113 -21.85 -7.39 -19.12
N MET A 114 -20.90 -7.07 -18.26
CA MET A 114 -20.69 -5.67 -17.84
C MET A 114 -19.60 -4.96 -18.64
N ARG A 115 -19.15 -5.55 -19.73
CA ARG A 115 -18.06 -4.96 -20.50
C ARG A 115 -18.24 -3.52 -20.96
N SER A 116 -19.46 -3.10 -21.27
CA SER A 116 -19.67 -1.73 -21.72
C SER A 116 -19.32 -0.70 -20.66
N ALA A 117 -19.21 -1.14 -19.42
CA ALA A 117 -18.86 -0.24 -18.32
C ALA A 117 -17.37 -0.31 -18.00
N LEU A 118 -16.68 -1.23 -18.65
CA LEU A 118 -15.25 -1.44 -18.44
C LEU A 118 -14.41 -1.05 -19.64
N ILE A 119 -14.93 -1.28 -20.83
CA ILE A 119 -14.21 -0.92 -22.06
C ILE A 119 -14.23 0.60 -22.15
N GLY A 120 -13.04 1.19 -22.21
CA GLY A 120 -12.92 2.63 -22.27
C GLY A 120 -12.47 3.16 -20.91
N LYS A 121 -12.43 2.28 -19.93
CA LYS A 121 -12.01 2.66 -18.57
C LYS A 121 -10.68 2.01 -18.22
N GLU A 122 -9.88 1.67 -19.23
CA GLU A 122 -8.60 1.03 -19.04
C GLU A 122 -7.58 1.82 -18.21
N ASP A 123 -7.73 3.14 -18.18
CA ASP A 123 -6.79 3.96 -17.44
C ASP A 123 -7.14 4.14 -15.97
N THR A 124 -8.30 3.65 -15.55
CA THR A 124 -8.72 3.80 -14.16
C THR A 124 -9.30 2.55 -13.51
N VAL A 125 -9.63 1.54 -14.31
CA VAL A 125 -10.22 0.31 -13.79
C VAL A 125 -9.42 -0.94 -14.10
N ILE A 126 -9.16 -1.73 -13.06
CA ILE A 126 -8.41 -2.98 -13.19
C ILE A 126 -9.37 -4.10 -12.77
N ILE A 127 -9.40 -5.17 -13.56
CA ILE A 127 -10.30 -6.29 -13.30
C ILE A 127 -9.65 -7.46 -12.58
N ASN A 128 -10.06 -7.70 -11.34
CA ASN A 128 -9.57 -8.81 -10.52
C ASN A 128 -10.65 -9.87 -10.82
N ILE A 129 -10.35 -10.76 -11.76
CA ILE A 129 -11.32 -11.76 -12.21
C ILE A 129 -12.21 -12.40 -11.16
N ALA A 130 -11.62 -12.93 -10.09
CA ALA A 130 -12.43 -13.54 -9.05
C ALA A 130 -11.67 -13.64 -7.74
N ASN A 131 -12.31 -13.18 -6.67
CA ASN A 131 -11.67 -13.24 -5.37
C ASN A 131 -11.42 -14.67 -4.93
N GLU A 132 -10.17 -14.98 -4.66
CA GLU A 132 -9.76 -16.28 -4.15
C GLU A 132 -10.39 -17.51 -4.81
N TRP A 133 -10.45 -17.53 -6.14
CA TRP A 133 -11.00 -18.70 -6.80
C TRP A 133 -9.98 -19.84 -6.67
N PHE A 134 -10.50 -21.03 -6.43
CA PHE A 134 -9.74 -22.25 -6.23
C PHE A 134 -9.12 -22.26 -4.83
N GLY A 135 -9.91 -22.74 -3.87
CA GLY A 135 -9.47 -22.81 -2.49
C GLY A 135 -8.45 -23.89 -2.21
N SER A 136 -8.36 -24.89 -3.08
CA SER A 136 -7.40 -25.96 -2.88
C SER A 136 -6.00 -25.49 -3.26
N TRP A 137 -4.99 -26.12 -2.67
CA TRP A 137 -3.60 -25.76 -2.94
C TRP A 137 -3.04 -26.61 -4.08
N ASP A 138 -3.51 -26.32 -5.29
CA ASP A 138 -3.11 -27.05 -6.49
C ASP A 138 -2.81 -26.02 -7.59
N GLY A 139 -1.53 -25.75 -7.82
CA GLY A 139 -1.15 -24.78 -8.83
C GLY A 139 -1.55 -25.09 -10.26
N ALA A 140 -1.48 -26.37 -10.63
CA ALA A 140 -1.83 -26.78 -11.99
C ALA A 140 -3.30 -26.60 -12.32
N ALA A 141 -4.18 -26.98 -11.40
CA ALA A 141 -5.62 -26.85 -11.61
C ALA A 141 -6.02 -25.38 -11.63
N TRP A 142 -5.35 -24.60 -10.78
CA TRP A 142 -5.59 -23.17 -10.69
C TRP A 142 -5.26 -22.54 -12.05
N ALA A 143 -4.09 -22.87 -12.57
CA ALA A 143 -3.64 -22.35 -13.85
C ALA A 143 -4.55 -22.76 -15.00
N ASP A 144 -5.01 -24.00 -14.99
CA ASP A 144 -5.89 -24.47 -16.06
C ASP A 144 -7.15 -23.61 -16.15
N GLY A 145 -7.69 -23.22 -15.00
CA GLY A 145 -8.89 -22.41 -15.00
C GLY A 145 -8.66 -21.06 -15.67
N TYR A 146 -7.60 -20.37 -15.27
CA TYR A 146 -7.31 -19.08 -15.84
C TYR A 146 -6.81 -19.12 -17.28
N LYS A 147 -6.19 -20.23 -17.68
CA LYS A 147 -5.70 -20.33 -19.04
C LYS A 147 -6.87 -20.34 -20.02
N GLN A 148 -8.05 -20.71 -19.54
CA GLN A 148 -9.22 -20.71 -20.41
C GLN A 148 -10.05 -19.46 -20.18
N ALA A 149 -10.00 -18.90 -18.97
CA ALA A 149 -10.76 -17.70 -18.65
C ALA A 149 -10.22 -16.42 -19.31
N ILE A 150 -8.91 -16.21 -19.21
CA ILE A 150 -8.31 -15.00 -19.77
C ILE A 150 -8.63 -14.79 -21.26
N PRO A 151 -8.48 -15.83 -22.09
CA PRO A 151 -8.78 -15.68 -23.52
C PRO A 151 -10.23 -15.24 -23.77
N ARG A 152 -11.15 -15.77 -22.99
CA ARG A 152 -12.58 -15.44 -23.12
C ARG A 152 -12.80 -13.95 -22.86
N LEU A 153 -12.14 -13.44 -21.84
CA LEU A 153 -12.27 -12.03 -21.49
C LEU A 153 -11.75 -11.13 -22.60
N ARG A 154 -10.58 -11.49 -23.14
CA ARG A 154 -9.99 -10.70 -24.21
C ARG A 154 -10.82 -10.76 -25.49
N ASN A 155 -11.35 -11.94 -25.78
CA ASN A 155 -12.18 -12.13 -26.97
C ASN A 155 -13.43 -11.23 -26.92
N ALA A 156 -13.90 -10.97 -25.71
CA ALA A 156 -15.09 -10.14 -25.52
C ALA A 156 -14.79 -8.66 -25.67
N GLY A 157 -13.52 -8.32 -25.84
CA GLY A 157 -13.13 -6.94 -26.01
C GLY A 157 -12.56 -6.21 -24.80
N LEU A 158 -12.39 -6.92 -23.69
CA LEU A 158 -11.85 -6.30 -22.48
C LEU A 158 -10.33 -6.10 -22.63
N ASN A 159 -9.87 -4.87 -22.42
CA ASN A 159 -8.45 -4.54 -22.54
C ASN A 159 -7.85 -4.06 -21.22
N ASN A 160 -8.64 -4.10 -20.14
CA ASN A 160 -8.14 -3.68 -18.84
C ASN A 160 -7.06 -4.61 -18.34
N THR A 161 -6.20 -4.11 -17.47
CA THR A 161 -5.17 -4.96 -16.87
C THR A 161 -6.00 -5.95 -16.05
N LEU A 162 -5.60 -7.22 -16.07
CA LEU A 162 -6.31 -8.24 -15.31
C LEU A 162 -5.48 -8.59 -14.07
N MET A 163 -6.15 -8.88 -12.97
CA MET A 163 -5.48 -9.26 -11.74
C MET A 163 -5.94 -10.65 -11.35
N ILE A 164 -4.98 -11.54 -11.10
CA ILE A 164 -5.27 -12.93 -10.75
C ILE A 164 -4.85 -13.30 -9.33
N ASP A 165 -5.81 -13.74 -8.53
CA ASP A 165 -5.55 -14.15 -7.14
C ASP A 165 -4.89 -15.53 -7.10
N ALA A 166 -3.89 -15.69 -6.23
CA ALA A 166 -3.22 -16.99 -6.09
C ALA A 166 -4.23 -18.01 -5.57
N ALA A 167 -3.91 -19.29 -5.72
CA ALA A 167 -4.78 -20.35 -5.23
C ALA A 167 -4.69 -20.43 -3.70
N GLY A 168 -5.41 -21.37 -3.10
CA GLY A 168 -5.39 -21.52 -1.65
C GLY A 168 -6.00 -20.34 -0.91
N TRP A 169 -7.11 -19.83 -1.43
CA TRP A 169 -7.79 -18.67 -0.85
C TRP A 169 -6.82 -17.49 -0.86
N GLY A 170 -5.95 -17.47 -1.87
CA GLY A 170 -4.97 -16.41 -2.03
C GLY A 170 -3.69 -16.57 -1.22
N GLN A 171 -3.65 -17.57 -0.35
CA GLN A 171 -2.49 -17.78 0.49
C GLN A 171 -1.48 -18.83 0.01
N PHE A 172 -1.58 -19.24 -1.26
CA PHE A 172 -0.66 -20.21 -1.83
C PHE A 172 0.13 -19.54 -2.97
N PRO A 173 1.04 -18.61 -2.63
CA PRO A 173 1.81 -17.93 -3.67
C PRO A 173 2.67 -18.84 -4.54
N GLN A 174 2.94 -20.05 -4.06
CA GLN A 174 3.75 -20.97 -4.86
C GLN A 174 3.05 -21.24 -6.17
N SER A 175 1.72 -21.15 -6.18
CA SER A 175 0.97 -21.39 -7.41
C SER A 175 1.41 -20.38 -8.47
N ILE A 176 1.63 -19.14 -8.06
CA ILE A 176 2.07 -18.10 -8.97
C ILE A 176 3.52 -18.33 -9.41
N HIS A 177 4.38 -18.68 -8.45
CA HIS A 177 5.78 -18.94 -8.79
C HIS A 177 5.92 -20.07 -9.81
N ASP A 178 5.15 -21.13 -9.61
CA ASP A 178 5.21 -22.30 -10.49
C ASP A 178 4.48 -22.20 -11.82
N TYR A 179 3.27 -21.63 -11.80
CA TYR A 179 2.47 -21.54 -13.02
C TYR A 179 2.09 -20.13 -13.48
N GLY A 180 2.51 -19.11 -12.73
CA GLY A 180 2.18 -17.75 -13.10
C GLY A 180 2.56 -17.35 -14.51
N ARG A 181 3.73 -17.78 -14.96
CA ARG A 181 4.18 -17.45 -16.30
C ARG A 181 3.25 -18.04 -17.36
N GLU A 182 2.82 -19.29 -17.13
CA GLU A 182 1.92 -19.95 -18.07
C GLU A 182 0.59 -19.21 -18.14
N VAL A 183 0.09 -18.78 -16.99
CA VAL A 183 -1.17 -18.05 -16.94
C VAL A 183 -1.00 -16.71 -17.67
N PHE A 184 0.12 -16.04 -17.41
CA PHE A 184 0.41 -14.76 -18.04
C PHE A 184 0.47 -14.90 -19.55
N ASN A 185 1.13 -15.96 -20.03
CA ASN A 185 1.24 -16.18 -21.47
C ASN A 185 -0.08 -16.54 -22.13
N ALA A 186 -1.09 -16.85 -21.33
CA ALA A 186 -2.40 -17.18 -21.88
C ALA A 186 -3.11 -15.88 -22.24
N ASP A 187 -2.55 -14.75 -21.81
CA ASP A 187 -3.13 -13.45 -22.11
C ASP A 187 -2.47 -12.93 -23.38
N PRO A 188 -3.22 -12.89 -24.49
CA PRO A 188 -2.65 -12.39 -25.75
C PRO A 188 -2.16 -10.96 -25.65
N GLN A 189 -2.70 -10.21 -24.69
CA GLN A 189 -2.31 -8.82 -24.50
C GLN A 189 -1.18 -8.68 -23.49
N ARG A 190 -0.80 -9.80 -22.87
CA ARG A 190 0.27 -9.82 -21.87
C ARG A 190 0.14 -8.64 -20.92
N ASN A 191 -1.06 -8.49 -20.37
CA ASN A 191 -1.36 -7.41 -19.45
C ASN A 191 -2.15 -7.98 -18.28
N THR A 192 -1.48 -8.87 -17.54
CA THR A 192 -2.06 -9.54 -16.38
C THR A 192 -1.06 -9.48 -15.23
N MET A 193 -1.56 -9.21 -14.03
CA MET A 193 -0.73 -9.16 -12.85
C MET A 193 -1.30 -10.14 -11.83
N PHE A 194 -0.57 -10.42 -10.76
CA PHE A 194 -1.01 -11.38 -9.78
C PHE A 194 -1.16 -10.82 -8.38
N SER A 195 -1.97 -11.48 -7.57
CA SER A 195 -2.23 -11.03 -6.21
C SER A 195 -2.12 -12.12 -5.17
N ILE A 196 -1.54 -11.76 -4.03
CA ILE A 196 -1.39 -12.68 -2.90
C ILE A 196 -2.21 -12.10 -1.76
N HIS A 197 -2.96 -12.95 -1.06
CA HIS A 197 -3.70 -12.47 0.09
C HIS A 197 -2.87 -12.95 1.27
N MET A 198 -2.08 -12.04 1.81
CA MET A 198 -1.20 -12.37 2.91
C MET A 198 -1.83 -12.33 4.29
N TYR A 199 -2.16 -13.51 4.79
CA TYR A 199 -2.72 -13.61 6.12
C TYR A 199 -1.81 -14.51 6.97
N GLU A 200 -2.38 -15.38 7.80
CA GLU A 200 -1.53 -16.20 8.67
C GLU A 200 -0.65 -17.27 8.04
N TYR A 201 -0.94 -17.68 6.81
CA TYR A 201 -0.10 -18.70 6.17
C TYR A 201 0.94 -18.08 5.23
N ALA A 202 0.50 -17.15 4.39
CA ALA A 202 1.38 -16.51 3.44
C ALA A 202 2.19 -15.34 4.00
N GLY A 203 1.78 -14.82 5.14
CA GLY A 203 2.49 -13.69 5.74
C GLY A 203 2.64 -13.82 7.24
N GLY A 204 2.81 -15.05 7.71
CA GLY A 204 2.93 -15.31 9.14
C GLY A 204 4.12 -14.69 9.84
N ASN A 205 5.23 -14.57 9.13
CA ASN A 205 6.43 -13.97 9.69
C ASN A 205 7.22 -13.23 8.61
N ALA A 206 8.23 -12.48 9.02
CA ALA A 206 9.04 -11.69 8.09
C ALA A 206 9.64 -12.50 6.94
N SER A 207 10.18 -13.67 7.26
CA SER A 207 10.79 -14.52 6.24
C SER A 207 9.79 -14.94 5.16
N GLN A 208 8.58 -15.29 5.59
CA GLN A 208 7.53 -15.70 4.67
C GLN A 208 7.09 -14.57 3.78
N VAL A 209 6.91 -13.38 4.36
CA VAL A 209 6.51 -12.20 3.62
C VAL A 209 7.52 -11.91 2.51
N ARG A 210 8.79 -11.84 2.88
N ARG A 210 8.80 -11.83 2.89
CA ARG A 210 9.85 -11.55 1.91
CA ARG A 210 9.84 -11.54 1.91
C ARG A 210 10.00 -12.61 0.83
C ARG A 210 10.00 -12.60 0.83
N THR A 211 10.08 -13.87 1.23
CA THR A 211 10.25 -14.95 0.27
C THR A 211 9.05 -15.11 -0.67
N ASN A 212 7.85 -14.95 -0.14
CA ASN A 212 6.66 -15.09 -0.97
C ASN A 212 6.56 -13.96 -2.01
N ILE A 213 6.97 -12.76 -1.62
CA ILE A 213 6.97 -11.64 -2.53
C ILE A 213 8.07 -11.89 -3.59
N ASP A 214 9.26 -12.27 -3.14
CA ASP A 214 10.37 -12.52 -4.07
C ASP A 214 10.06 -13.63 -5.09
N ARG A 215 9.37 -14.68 -4.64
CA ARG A 215 9.04 -15.82 -5.50
C ARG A 215 8.08 -15.50 -6.64
N VAL A 216 7.36 -14.39 -6.53
CA VAL A 216 6.46 -13.99 -7.60
C VAL A 216 7.22 -13.05 -8.52
N LEU A 217 7.90 -12.08 -7.92
CA LEU A 217 8.67 -11.11 -8.68
C LEU A 217 9.78 -11.75 -9.52
N ASN A 218 10.46 -12.78 -9.01
CA ASN A 218 11.54 -13.37 -9.78
C ASN A 218 11.10 -14.14 -11.02
N GLN A 219 9.79 -14.19 -11.25
CA GLN A 219 9.23 -14.84 -12.42
C GLN A 219 8.94 -13.72 -13.42
N ASP A 220 9.36 -12.51 -13.03
CA ASP A 220 9.16 -11.29 -13.81
C ASP A 220 7.68 -11.03 -14.00
N LEU A 221 6.94 -11.12 -12.90
CA LEU A 221 5.50 -10.90 -12.89
C LEU A 221 5.19 -9.76 -11.93
N ALA A 222 4.19 -8.95 -12.27
CA ALA A 222 3.78 -7.82 -11.44
C ALA A 222 2.95 -8.39 -10.28
N LEU A 223 3.14 -7.82 -9.10
CA LEU A 223 2.46 -8.30 -7.91
C LEU A 223 1.82 -7.24 -7.03
N VAL A 224 0.74 -7.63 -6.37
CA VAL A 224 0.06 -6.78 -5.42
C VAL A 224 -0.36 -7.69 -4.28
N ILE A 225 -0.32 -7.17 -3.06
CA ILE A 225 -0.76 -7.94 -1.91
C ILE A 225 -2.22 -7.44 -1.83
N GLY A 226 -3.07 -8.08 -2.62
CA GLY A 226 -4.48 -7.73 -2.74
C GLY A 226 -5.29 -7.65 -1.48
N GLU A 227 -4.84 -8.38 -0.46
CA GLU A 227 -5.48 -8.39 0.85
C GLU A 227 -4.44 -8.75 1.90
N PHE A 228 -4.57 -8.16 3.07
CA PHE A 228 -3.73 -8.50 4.21
C PHE A 228 -4.35 -7.90 5.45
N GLY A 229 -3.96 -8.42 6.61
CA GLY A 229 -4.48 -7.92 7.86
C GLY A 229 -3.37 -7.94 8.89
N HIS A 230 -3.68 -7.55 10.13
CA HIS A 230 -2.68 -7.54 11.19
C HIS A 230 -2.66 -8.89 11.90
N ARG A 231 -3.69 -9.69 11.65
CA ARG A 231 -3.81 -11.04 12.20
C ARG A 231 -4.98 -11.71 11.50
N HIS A 232 -5.11 -13.03 11.68
CA HIS A 232 -6.20 -13.74 11.02
C HIS A 232 -6.69 -14.90 11.87
N THR A 233 -7.59 -15.68 11.30
CA THR A 233 -8.19 -16.82 11.99
C THR A 233 -7.24 -17.65 12.86
N ASN A 234 -6.19 -18.19 12.25
CA ASN A 234 -5.29 -19.04 12.99
C ASN A 234 -3.90 -18.51 13.34
N GLY A 235 -3.74 -17.20 13.38
CA GLY A 235 -2.43 -16.69 13.73
C GLY A 235 -2.15 -15.25 13.40
N ASP A 236 -0.95 -14.82 13.77
CA ASP A 236 -0.53 -13.46 13.54
C ASP A 236 -0.08 -13.25 12.09
N VAL A 237 -0.16 -12.01 11.63
CA VAL A 237 0.26 -11.64 10.29
C VAL A 237 1.27 -10.51 10.50
N ASP A 238 2.41 -10.59 9.81
CA ASP A 238 3.44 -9.57 9.96
C ASP A 238 3.17 -8.38 9.04
N GLU A 239 2.19 -7.56 9.41
CA GLU A 239 1.84 -6.41 8.58
C GLU A 239 2.99 -5.41 8.48
N SER A 240 3.83 -5.31 9.50
N SER A 240 3.83 -5.35 9.51
CA SER A 240 4.94 -4.37 9.47
CA SER A 240 4.96 -4.43 9.50
C SER A 240 5.86 -4.68 8.31
C SER A 240 5.88 -4.70 8.31
N THR A 241 6.28 -5.95 8.16
CA THR A 241 7.16 -6.35 7.07
C THR A 241 6.46 -6.24 5.71
N ILE A 242 5.17 -6.56 5.66
CA ILE A 242 4.44 -6.45 4.40
C ILE A 242 4.56 -5.02 3.89
N MET A 243 4.34 -4.07 4.79
CA MET A 243 4.38 -2.66 4.43
C MET A 243 5.79 -2.12 4.14
N SER A 244 6.77 -2.52 4.92
CA SER A 244 8.13 -2.03 4.68
C SER A 244 8.77 -2.67 3.45
N TYR A 245 8.63 -3.99 3.31
CA TYR A 245 9.23 -4.66 2.17
C TYR A 245 8.52 -4.32 0.86
N SER A 246 7.20 -4.12 0.91
CA SER A 246 6.47 -3.76 -0.30
C SER A 246 6.94 -2.41 -0.79
N GLU A 247 7.31 -1.52 0.14
CA GLU A 247 7.80 -0.20 -0.23
C GLU A 247 9.19 -0.34 -0.86
N GLN A 248 10.02 -1.20 -0.27
CA GLN A 248 11.36 -1.42 -0.79
C GLN A 248 11.34 -1.97 -2.21
N ARG A 249 10.45 -2.92 -2.46
CA ARG A 249 10.38 -3.56 -3.76
C ARG A 249 9.32 -3.06 -4.72
N GLY A 250 8.68 -1.95 -4.39
CA GLY A 250 7.66 -1.38 -5.26
C GLY A 250 6.47 -2.28 -5.52
N VAL A 251 6.06 -3.02 -4.49
CA VAL A 251 4.92 -3.92 -4.59
C VAL A 251 3.68 -3.22 -4.02
N GLY A 252 2.56 -3.34 -4.71
CA GLY A 252 1.35 -2.71 -4.21
C GLY A 252 0.70 -3.52 -3.11
N TRP A 253 -0.15 -2.88 -2.33
CA TRP A 253 -0.90 -3.58 -1.28
C TRP A 253 -2.24 -2.89 -1.04
N LEU A 254 -3.20 -3.69 -0.58
CA LEU A 254 -4.55 -3.23 -0.31
C LEU A 254 -4.99 -3.90 0.99
N ALA A 255 -5.24 -3.11 2.02
CA ALA A 255 -5.63 -3.65 3.31
C ALA A 255 -7.09 -4.08 3.37
N TRP A 256 -7.36 -5.14 4.13
CA TRP A 256 -8.71 -5.64 4.32
C TRP A 256 -9.13 -5.33 5.76
N SER A 257 -10.23 -4.61 5.99
CA SER A 257 -11.08 -4.01 4.95
C SER A 257 -11.73 -2.80 5.64
N TRP A 258 -12.34 -1.90 4.86
CA TRP A 258 -12.92 -0.69 5.43
C TRP A 258 -13.84 -0.90 6.65
N LYS A 259 -14.93 -1.62 6.48
CA LYS A 259 -15.87 -1.85 7.57
C LYS A 259 -16.87 -2.93 7.19
N GLY A 260 -17.48 -3.55 8.18
CA GLY A 260 -18.50 -4.55 7.90
C GLY A 260 -18.15 -6.02 8.08
N ASN A 261 -16.97 -6.32 8.60
CA ASN A 261 -16.60 -7.71 8.78
C ASN A 261 -17.48 -8.37 9.83
N GLY A 262 -17.70 -9.67 9.67
CA GLY A 262 -18.51 -10.40 10.62
C GLY A 262 -17.80 -10.52 11.96
N PRO A 263 -18.50 -10.96 13.02
CA PRO A 263 -17.92 -11.10 14.37
C PRO A 263 -16.57 -11.82 14.42
N GLU A 264 -16.45 -12.90 13.67
CA GLU A 264 -15.23 -13.70 13.64
C GLU A 264 -14.02 -12.92 13.09
N TRP A 265 -14.27 -11.88 12.33
CA TRP A 265 -13.19 -11.08 11.73
C TRP A 265 -13.37 -9.59 11.93
N GLU A 266 -14.16 -9.19 12.92
CA GLU A 266 -14.42 -7.78 13.17
C GLU A 266 -13.15 -6.98 13.45
N TYR A 267 -12.11 -7.66 13.93
CA TYR A 267 -10.84 -6.98 14.21
C TYR A 267 -10.15 -6.47 12.94
N LEU A 268 -10.68 -6.85 11.77
CA LEU A 268 -10.09 -6.40 10.51
C LEU A 268 -10.73 -5.12 9.96
N ASP A 269 -11.73 -4.59 10.65
CA ASP A 269 -12.36 -3.34 10.20
C ASP A 269 -11.34 -2.22 10.37
N LEU A 270 -11.15 -1.42 9.32
CA LEU A 270 -10.20 -0.31 9.36
C LEU A 270 -10.85 0.93 9.96
N SER A 271 -12.17 1.02 9.87
CA SER A 271 -12.88 2.18 10.39
C SER A 271 -14.08 1.78 11.24
N ASN A 272 -14.30 2.52 12.32
CA ASN A 272 -15.42 2.26 13.21
C ASN A 272 -16.72 2.73 12.55
N ASP A 273 -16.62 3.80 11.78
CA ASP A 273 -17.77 4.36 11.08
C ASP A 273 -17.60 4.28 9.58
N TRP A 274 -18.70 4.22 8.85
CA TRP A 274 -18.64 4.15 7.39
C TRP A 274 -17.98 5.39 6.79
N ALA A 275 -18.15 6.53 7.43
CA ALA A 275 -17.59 7.79 6.95
C ALA A 275 -16.07 7.89 7.09
N GLY A 276 -15.50 7.11 8.00
CA GLY A 276 -14.07 7.15 8.20
C GLY A 276 -13.55 8.24 9.11
N ASN A 277 -14.43 8.81 9.92
CA ASN A 277 -14.03 9.87 10.84
C ASN A 277 -13.39 9.30 12.10
N ASN A 278 -13.59 8.00 12.34
CA ASN A 278 -13.05 7.34 13.52
C ASN A 278 -12.41 6.01 13.18
N LEU A 279 -11.16 6.04 12.72
CA LEU A 279 -10.45 4.82 12.36
C LEU A 279 -10.14 3.95 13.57
N THR A 280 -10.02 2.65 13.34
CA THR A 280 -9.67 1.71 14.40
C THR A 280 -8.15 1.75 14.48
N ALA A 281 -7.58 1.03 15.43
CA ALA A 281 -6.12 0.98 15.58
C ALA A 281 -5.52 0.41 14.29
N TRP A 282 -6.19 -0.60 13.73
CA TRP A 282 -5.76 -1.24 12.50
C TRP A 282 -5.81 -0.21 11.38
N GLY A 283 -6.88 0.60 11.38
CA GLY A 283 -7.00 1.63 10.37
C GLY A 283 -5.89 2.65 10.47
N ASN A 284 -5.53 3.02 11.70
CA ASN A 284 -4.46 4.00 11.89
C ASN A 284 -3.09 3.44 11.51
N THR A 285 -2.90 2.13 11.68
CA THR A 285 -1.64 1.50 11.29
C THR A 285 -1.51 1.67 9.79
N ILE A 286 -2.60 1.39 9.07
CA ILE A 286 -2.60 1.47 7.61
C ILE A 286 -2.49 2.89 7.08
N VAL A 287 -3.26 3.81 7.65
CA VAL A 287 -3.25 5.19 7.19
C VAL A 287 -2.13 6.06 7.72
N ASN A 288 -1.93 6.02 9.04
CA ASN A 288 -0.93 6.88 9.68
C ASN A 288 0.36 6.23 10.17
N GLY A 289 0.44 4.90 10.12
CA GLY A 289 1.62 4.22 10.60
C GLY A 289 2.79 4.30 9.63
N PRO A 290 3.97 3.80 10.03
CA PRO A 290 5.13 3.85 9.13
C PRO A 290 4.85 3.08 7.84
N TYR A 291 5.30 3.64 6.72
CA TYR A 291 5.11 3.05 5.40
C TYR A 291 3.62 2.95 5.06
N GLY A 292 2.80 3.72 5.79
CA GLY A 292 1.37 3.72 5.57
C GLY A 292 0.94 4.60 4.40
N LEU A 293 -0.37 4.83 4.26
CA LEU A 293 -0.88 5.64 3.16
C LEU A 293 -0.38 7.08 3.15
N ARG A 294 -0.40 7.72 4.31
CA ARG A 294 0.05 9.11 4.42
C ARG A 294 1.48 9.25 3.94
N GLU A 295 2.32 8.29 4.32
CA GLU A 295 3.73 8.34 3.95
C GLU A 295 4.06 7.89 2.52
N THR A 296 3.42 6.82 2.06
CA THR A 296 3.78 6.28 0.75
C THR A 296 2.80 6.32 -0.42
N SER A 297 1.53 6.61 -0.17
CA SER A 297 0.55 6.63 -1.25
C SER A 297 0.65 7.82 -2.20
N LYS A 298 0.78 7.52 -3.49
CA LYS A 298 0.84 8.55 -4.53
C LYS A 298 -0.25 8.23 -5.54
N LEU A 299 -1.10 9.21 -5.83
CA LEU A 299 -2.20 9.02 -6.77
C LEU A 299 -1.70 8.72 -8.17
N SER A 300 -2.51 8.00 -8.94
CA SER A 300 -2.17 7.68 -10.32
C SER A 300 -1.99 9.02 -11.04
N THR A 301 -0.96 9.12 -11.89
CA THR A 301 -0.72 10.37 -12.60
C THR A 301 -1.82 10.68 -13.62
N VAL A 302 -2.71 9.71 -13.83
CA VAL A 302 -3.83 9.93 -14.75
C VAL A 302 -4.74 10.99 -14.14
N PHE A 303 -4.78 11.04 -12.82
CA PHE A 303 -5.62 11.99 -12.10
C PHE A 303 -4.92 13.31 -11.81
N THR A 304 -3.60 13.27 -11.68
CA THR A 304 -2.82 14.47 -11.37
C THR A 304 -2.12 15.03 -12.59
N PRO A 314 18.71 18.87 28.40
CA PRO A 314 19.00 18.57 27.01
C PRO A 314 19.80 17.28 26.85
N THR A 315 19.22 16.30 26.16
CA THR A 315 19.87 15.01 25.94
C THR A 315 19.86 14.61 24.48
N THR A 316 21.02 14.18 23.98
CA THR A 316 21.15 13.76 22.58
C THR A 316 20.65 12.33 22.40
N LEU A 317 19.59 12.17 21.62
CA LEU A 317 19.04 10.84 21.35
C LEU A 317 19.78 10.14 20.22
N TYR A 318 20.19 10.89 19.21
CA TYR A 318 20.89 10.33 18.07
C TYR A 318 22.07 11.17 17.59
N ASP A 319 23.26 10.58 17.61
CA ASP A 319 24.47 11.26 17.17
C ASP A 319 25.07 10.53 15.96
N PHE A 320 24.62 9.29 15.76
CA PHE A 320 25.04 8.46 14.62
C PHE A 320 26.55 8.22 14.54
N GLU A 321 27.24 8.29 15.68
CA GLU A 321 28.69 8.11 15.67
C GLU A 321 29.17 6.68 15.45
N GLU A 322 28.31 5.70 15.69
CA GLU A 322 28.70 4.30 15.51
C GLU A 322 27.86 3.52 14.50
N SER A 323 26.61 3.93 14.31
CA SER A 323 25.73 3.25 13.37
C SER A 323 24.59 4.16 12.94
N THR A 324 23.65 3.60 12.17
CA THR A 324 22.48 4.35 11.71
C THR A 324 21.43 4.36 12.82
N GLN A 325 21.77 3.71 13.93
CA GLN A 325 20.92 3.63 15.11
C GLN A 325 19.45 3.32 14.87
N GLY A 326 19.18 2.35 14.01
CA GLY A 326 17.81 1.96 13.73
C GLY A 326 17.00 2.85 12.81
N TRP A 327 17.61 3.88 12.25
CA TRP A 327 16.89 4.76 11.35
C TRP A 327 16.65 4.13 9.99
N THR A 328 15.53 4.54 9.38
CA THR A 328 15.11 4.07 8.06
C THR A 328 14.53 5.28 7.33
N GLY A 329 13.90 5.05 6.19
CA GLY A 329 13.32 6.15 5.45
C GLY A 329 12.48 5.68 4.28
N SER A 330 11.95 6.63 3.50
CA SER A 330 11.16 6.28 2.33
C SER A 330 11.36 7.35 1.26
N SER A 331 11.11 6.96 0.01
CA SER A 331 11.30 7.84 -1.13
C SER A 331 12.79 8.21 -1.22
N LEU A 332 13.64 7.25 -0.87
CA LEU A 332 15.09 7.43 -0.94
C LEU A 332 15.63 6.63 -2.13
N SER A 333 16.66 7.07 -2.77
N SER A 333 16.70 7.13 -2.75
CA SER A 333 17.23 6.34 -3.90
CA SER A 333 17.30 6.44 -3.88
C SER A 333 18.23 5.32 -3.38
C SER A 333 18.25 5.37 -3.35
N ARG A 334 19.00 5.73 -2.32
CA ARG A 334 19.96 4.82 -1.68
C ARG A 334 20.13 5.31 -0.24
N GLY A 335 20.55 4.41 0.65
CA GLY A 335 20.75 4.79 2.04
C GLY A 335 19.60 4.36 2.94
N PRO A 336 19.55 4.83 4.20
CA PRO A 336 20.52 5.74 4.83
C PRO A 336 21.81 5.08 5.33
N TRP A 337 22.84 5.88 5.52
CA TRP A 337 24.14 5.40 6.01
C TRP A 337 24.68 6.41 7.02
N THR A 338 25.57 5.95 7.90
CA THR A 338 26.19 6.88 8.84
C THR A 338 27.51 7.23 8.16
N VAL A 339 27.75 8.53 7.97
CA VAL A 339 28.97 8.99 7.29
C VAL A 339 29.73 10.07 8.04
N THR A 340 30.95 10.33 7.60
CA THR A 340 31.79 11.36 8.21
C THR A 340 31.90 12.55 7.29
N GLU A 341 31.34 12.43 6.09
CA GLU A 341 31.38 13.50 5.10
C GLU A 341 30.92 14.83 5.69
N TRP A 342 29.94 14.77 6.58
CA TRP A 342 29.40 15.96 7.24
C TRP A 342 28.85 15.58 8.62
N SER A 343 28.84 16.55 9.53
CA SER A 343 28.32 16.35 10.87
C SER A 343 28.16 17.70 11.55
N SER A 344 27.24 17.78 12.51
CA SER A 344 27.02 19.02 13.25
C SER A 344 27.50 18.81 14.69
N LYS A 345 27.58 17.55 15.08
CA LYS A 345 28.06 17.15 16.40
C LYS A 345 28.86 15.87 16.20
N GLY A 346 30.02 15.79 16.82
CA GLY A 346 30.85 14.61 16.64
C GLY A 346 31.37 14.61 15.22
N ASN A 347 31.65 13.42 14.68
CA ASN A 347 32.17 13.34 13.32
C ASN A 347 31.28 12.61 12.34
N HIS A 348 30.10 12.19 12.76
CA HIS A 348 29.18 11.47 11.87
C HIS A 348 27.78 12.06 11.81
N SER A 349 27.08 11.74 10.72
CA SER A 349 25.71 12.17 10.51
C SER A 349 25.02 11.07 9.70
N LEU A 350 23.69 11.11 9.67
CA LEU A 350 22.92 10.13 8.90
C LEU A 350 22.72 10.73 7.52
N LYS A 351 23.05 9.97 6.47
CA LYS A 351 22.92 10.46 5.11
C LYS A 351 22.13 9.52 4.21
N ALA A 352 21.42 10.10 3.24
CA ALA A 352 20.65 9.34 2.27
C ALA A 352 20.63 10.11 0.96
N ASP A 353 20.48 9.38 -0.15
CA ASP A 353 20.42 10.00 -1.47
C ASP A 353 18.96 10.04 -1.91
N ILE A 354 18.58 11.09 -2.62
CA ILE A 354 17.20 11.21 -3.11
C ILE A 354 17.16 11.81 -4.50
N GLN A 355 16.06 11.57 -5.20
CA GLN A 355 15.84 12.12 -6.54
C GLN A 355 14.74 13.16 -6.35
N MET A 356 15.08 14.43 -6.53
CA MET A 356 14.10 15.49 -6.36
C MET A 356 13.20 15.67 -7.57
N SER A 357 11.96 16.05 -7.30
CA SER A 357 10.96 16.31 -8.32
C SER A 357 10.07 17.39 -7.71
N SER A 358 9.28 18.06 -8.54
CA SER A 358 8.42 19.13 -8.06
C SER A 358 7.68 18.80 -6.76
N ASN A 359 8.03 19.52 -5.69
CA ASN A 359 7.40 19.34 -4.39
C ASN A 359 7.47 17.91 -3.84
N SER A 360 8.45 17.13 -4.28
CA SER A 360 8.57 15.76 -3.80
C SER A 360 8.90 15.72 -2.32
N GLN A 361 8.37 14.72 -1.62
CA GLN A 361 8.61 14.57 -0.19
C GLN A 361 9.42 13.30 0.06
N HIS A 362 10.35 13.39 1.01
CA HIS A 362 11.22 12.26 1.34
C HIS A 362 11.29 12.15 2.85
N TYR A 363 11.51 10.93 3.35
CA TYR A 363 11.54 10.71 4.79
C TYR A 363 12.75 9.97 5.34
N LEU A 364 13.13 10.38 6.56
CA LEU A 364 14.18 9.74 7.32
C LEU A 364 13.48 9.63 8.67
N HIS A 365 13.41 8.42 9.22
CA HIS A 365 12.70 8.25 10.48
C HIS A 365 13.17 7.04 11.26
N VAL A 366 12.96 7.10 12.57
CA VAL A 366 13.31 5.98 13.41
C VAL A 366 12.00 5.47 14.01
N ILE A 367 11.63 4.25 13.62
CA ILE A 367 10.41 3.62 14.09
C ILE A 367 10.77 2.86 15.35
N GLN A 368 10.32 3.37 16.49
CA GLN A 368 10.64 2.76 17.76
C GLN A 368 9.73 3.31 18.86
N ASN A 369 9.20 2.41 19.69
CA ASN A 369 8.35 2.83 20.78
C ASN A 369 9.21 3.38 21.90
N ARG A 370 8.78 4.50 22.47
CA ARG A 370 9.52 5.14 23.55
C ARG A 370 8.69 6.20 24.24
N SER A 371 9.18 6.66 25.38
CA SER A 371 8.50 7.70 26.13
C SER A 371 9.31 8.99 26.13
N LEU A 372 8.67 10.08 25.73
CA LEU A 372 9.33 11.38 25.73
C LEU A 372 8.57 12.22 26.75
N GLN A 373 7.94 11.54 27.70
CA GLN A 373 7.19 12.20 28.74
C GLN A 373 8.18 13.06 29.52
N GLN A 374 7.73 14.22 29.98
CA GLN A 374 8.56 15.16 30.73
C GLN A 374 9.31 16.07 29.76
N ASN A 375 9.65 15.55 28.58
CA ASN A 375 10.34 16.34 27.57
C ASN A 375 9.38 17.40 27.04
N SER A 376 9.90 18.56 26.68
CA SER A 376 9.08 19.64 26.17
C SER A 376 9.52 20.14 24.80
N ARG A 377 10.63 19.59 24.30
CA ARG A 377 11.16 20.02 23.02
C ARG A 377 12.07 19.00 22.37
N ILE A 378 12.06 18.95 21.05
CA ILE A 378 12.92 18.06 20.30
C ILE A 378 13.42 18.84 19.09
N GLN A 379 14.69 18.67 18.75
CA GLN A 379 15.25 19.36 17.62
C GLN A 379 16.29 18.49 16.94
N ALA A 380 16.67 18.87 15.73
CA ALA A 380 17.65 18.13 14.96
C ALA A 380 18.24 19.09 13.94
N THR A 381 19.46 18.80 13.51
CA THR A 381 20.12 19.65 12.53
C THR A 381 20.21 18.90 11.21
N VAL A 382 19.74 19.54 10.14
CA VAL A 382 19.73 18.90 8.84
C VAL A 382 20.28 19.79 7.73
N LYS A 383 20.47 19.19 6.56
CA LYS A 383 20.95 19.91 5.40
C LYS A 383 20.85 18.98 4.18
N HIS A 384 21.12 19.53 3.01
CA HIS A 384 21.12 18.74 1.80
C HIS A 384 22.40 19.07 1.06
N ALA A 385 22.76 18.25 0.07
CA ALA A 385 23.98 18.49 -0.69
C ALA A 385 23.85 19.78 -1.50
N GLY A 393 16.13 23.95 -4.27
CA GLY A 393 15.98 24.24 -2.85
C GLY A 393 15.08 23.26 -2.14
N MET A 394 15.15 23.25 -0.81
CA MET A 394 14.33 22.35 -0.01
C MET A 394 13.90 22.96 1.31
N THR A 395 12.86 22.36 1.90
CA THR A 395 12.35 22.77 3.20
C THR A 395 12.20 21.46 3.95
N ALA A 396 12.11 21.53 5.28
CA ALA A 396 11.97 20.32 6.08
C ALA A 396 11.35 20.62 7.42
N ARG A 397 10.83 19.58 8.06
CA ARG A 397 10.22 19.72 9.38
C ARG A 397 10.38 18.43 10.17
N LEU A 398 10.54 18.57 11.47
CA LEU A 398 10.70 17.46 12.39
C LEU A 398 9.31 17.04 12.84
N TYR A 399 9.08 15.74 12.97
CA TYR A 399 7.77 15.25 13.41
C TYR A 399 7.88 14.05 14.33
N VAL A 400 6.79 13.79 15.04
CA VAL A 400 6.70 12.62 15.92
C VAL A 400 5.27 12.11 15.77
N LYS A 401 5.07 10.82 16.08
CA LYS A 401 3.75 10.21 16.04
C LYS A 401 3.56 9.55 17.40
N THR A 402 2.38 9.74 17.99
CA THR A 402 2.10 9.16 19.30
C THR A 402 0.76 8.44 19.37
N GLY A 403 0.64 7.54 20.34
CA GLY A 403 -0.60 6.80 20.53
C GLY A 403 -0.85 5.66 19.57
N HIS A 404 -1.93 4.92 19.81
CA HIS A 404 -2.29 3.80 18.94
C HIS A 404 -2.77 4.34 17.61
N GLY A 405 -3.08 5.63 17.56
CA GLY A 405 -3.54 6.23 16.34
C GLY A 405 -2.43 6.83 15.50
N TYR A 406 -1.19 6.68 15.95
CA TYR A 406 -0.05 7.24 15.24
C TYR A 406 -0.34 8.70 14.88
N THR A 407 -0.87 9.45 15.85
CA THR A 407 -1.20 10.85 15.62
C THR A 407 0.03 11.70 15.31
N TRP A 408 -0.05 12.44 14.22
CA TRP A 408 1.03 13.29 13.73
C TRP A 408 1.14 14.66 14.37
N TYR A 409 2.36 15.03 14.74
CA TYR A 409 2.68 16.32 15.33
C TYR A 409 3.99 16.76 14.68
N SER A 410 4.01 17.96 14.12
CA SER A 410 5.23 18.45 13.48
C SER A 410 5.32 19.96 13.55
N GLY A 411 6.53 20.48 13.40
CA GLY A 411 6.73 21.91 13.40
C GLY A 411 6.38 22.40 12.01
N SER A 412 6.71 23.65 11.70
CA SER A 412 6.42 24.20 10.38
C SER A 412 7.58 23.95 9.44
N PHE A 413 7.29 23.83 8.15
CA PHE A 413 8.33 23.61 7.15
C PHE A 413 9.23 24.83 7.09
N VAL A 414 10.53 24.64 7.25
CA VAL A 414 11.47 25.75 7.20
C VAL A 414 12.51 25.47 6.12
N PRO A 415 13.04 26.54 5.49
CA PRO A 415 14.05 26.41 4.45
C PRO A 415 15.37 25.83 5.00
N ILE A 416 15.96 24.91 4.25
CA ILE A 416 17.24 24.33 4.65
C ILE A 416 18.17 24.57 3.47
N ASN A 417 19.47 24.47 3.69
CA ASN A 417 20.43 24.71 2.62
C ASN A 417 21.47 23.61 2.47
N GLY A 418 22.38 23.80 1.52
CA GLY A 418 23.43 22.83 1.29
C GLY A 418 24.82 23.26 1.74
N SER A 419 24.92 24.50 2.25
CA SER A 419 26.21 24.99 2.71
C SER A 419 26.45 24.64 4.17
N SER A 420 25.41 24.76 5.00
CA SER A 420 25.54 24.44 6.43
C SER A 420 24.27 23.83 6.98
N GLY A 421 24.33 23.36 8.23
CA GLY A 421 23.17 22.74 8.84
C GLY A 421 22.13 23.71 9.36
N THR A 422 20.86 23.31 9.26
CA THR A 422 19.74 24.11 9.73
C THR A 422 19.06 23.35 10.86
N THR A 423 18.89 24.00 12.00
CA THR A 423 18.27 23.35 13.14
C THR A 423 16.74 23.40 13.08
N LEU A 424 16.12 22.22 13.10
CA LEU A 424 14.67 22.10 13.07
C LEU A 424 14.23 21.85 14.51
N SER A 425 13.03 22.30 14.88
CA SER A 425 12.56 22.09 16.24
C SER A 425 11.06 21.82 16.30
N LEU A 426 10.65 21.13 17.34
CA LEU A 426 9.25 20.80 17.57
C LEU A 426 8.92 20.95 19.04
N ASP A 427 7.92 21.78 19.35
CA ASP A 427 7.49 21.99 20.72
C ASP A 427 6.59 20.82 21.13
N LEU A 428 6.98 20.12 22.18
CA LEU A 428 6.23 18.97 22.68
C LEU A 428 5.27 19.28 23.82
N SER A 429 5.26 20.53 24.26
CA SER A 429 4.39 20.95 25.37
C SER A 429 2.91 20.65 25.15
N ASN A 430 2.46 20.66 23.90
CA ASN A 430 1.05 20.42 23.60
C ASN A 430 0.77 19.04 22.98
N VAL A 431 1.81 18.22 22.85
CA VAL A 431 1.64 16.89 22.27
C VAL A 431 1.05 15.90 23.28
N GLN A 432 0.01 15.18 22.87
CA GLN A 432 -0.64 14.21 23.74
C GLN A 432 0.01 12.83 23.62
N ASN A 433 -0.09 12.05 24.69
CA ASN A 433 0.46 10.69 24.74
C ASN A 433 1.96 10.63 24.44
N LEU A 434 2.72 11.58 24.98
CA LEU A 434 4.16 11.59 24.77
C LEU A 434 4.81 10.34 25.34
N SER A 435 4.10 9.66 26.23
CA SER A 435 4.62 8.44 26.83
C SER A 435 4.53 7.30 25.80
N GLN A 436 3.82 7.55 24.71
CA GLN A 436 3.64 6.56 23.67
C GLN A 436 4.11 7.02 22.29
N VAL A 437 5.37 7.44 22.21
CA VAL A 437 5.91 7.88 20.92
C VAL A 437 6.16 6.61 20.10
N ARG A 438 5.74 6.65 18.85
CA ARG A 438 5.90 5.50 17.95
C ARG A 438 6.93 5.73 16.87
N GLU A 439 7.16 6.99 16.52
CA GLU A 439 8.07 7.32 15.44
C GLU A 439 8.59 8.76 15.57
N ILE A 440 9.84 8.96 15.17
CA ILE A 440 10.46 10.29 15.17
C ILE A 440 11.13 10.43 13.81
N GLY A 441 10.91 11.55 13.13
CA GLY A 441 11.56 11.70 11.85
C GLY A 441 11.57 13.10 11.30
N VAL A 442 12.11 13.23 10.09
CA VAL A 442 12.15 14.52 9.41
C VAL A 442 11.56 14.32 8.02
N GLN A 443 10.66 15.21 7.65
CA GLN A 443 10.02 15.17 6.34
C GLN A 443 10.68 16.24 5.50
N PHE A 444 11.34 15.83 4.41
CA PHE A 444 11.99 16.79 3.52
C PHE A 444 11.09 17.03 2.32
N GLN A 445 10.96 18.30 1.91
CA GLN A 445 10.11 18.63 0.78
C GLN A 445 10.81 19.54 -0.22
N SER A 446 10.93 19.06 -1.46
CA SER A 446 11.56 19.83 -2.52
C SER A 446 10.68 21.01 -2.90
N GLU A 447 11.27 21.99 -3.58
CA GLU A 447 10.53 23.16 -4.03
C GLU A 447 9.77 22.81 -5.30
N SER A 448 8.99 23.75 -5.81
CA SER A 448 8.21 23.53 -7.02
C SER A 448 9.07 23.29 -8.26
N ASN A 449 10.17 24.03 -8.38
CA ASN A 449 11.05 23.89 -9.52
C ASN A 449 12.28 23.04 -9.22
N SER A 450 12.18 22.22 -8.18
CA SER A 450 13.31 21.36 -7.78
C SER A 450 13.34 20.05 -8.57
N SER A 451 14.53 19.68 -9.02
CA SER A 451 14.72 18.44 -9.77
C SER A 451 16.20 18.04 -9.73
N GLY A 452 16.46 16.75 -9.91
CA GLY A 452 17.83 16.28 -9.88
C GLY A 452 18.18 15.49 -8.64
N GLN A 453 19.39 14.96 -8.60
CA GLN A 453 19.84 14.18 -7.45
C GLN A 453 20.54 15.03 -6.41
N THR A 454 20.38 14.63 -5.15
CA THR A 454 21.02 15.33 -4.04
C THR A 454 21.03 14.37 -2.85
N SER A 455 21.61 14.81 -1.75
CA SER A 455 21.67 13.98 -0.56
C SER A 455 21.09 14.77 0.60
N ILE A 456 20.51 14.07 1.56
CA ILE A 456 19.94 14.73 2.74
C ILE A 456 20.64 14.18 3.98
N TYR A 457 20.82 15.03 4.98
CA TYR A 457 21.50 14.64 6.20
C TYR A 457 20.76 15.05 7.46
N ILE A 458 20.98 14.33 8.52
N ILE A 458 20.97 14.28 8.53
CA ILE A 458 20.38 14.64 9.82
CA ILE A 458 20.38 14.56 9.83
C ILE A 458 21.40 14.26 10.88
C ILE A 458 21.43 14.23 10.88
N ASP A 459 21.51 15.06 11.91
CA ASP A 459 22.46 14.81 12.98
C ASP A 459 22.04 15.51 14.25
N ASN A 460 22.58 15.04 15.36
CA ASN A 460 22.32 15.60 16.67
C ASN A 460 20.85 15.81 17.00
N VAL A 461 20.10 14.70 17.08
CA VAL A 461 18.69 14.77 17.43
C VAL A 461 18.70 14.81 18.95
N ILE A 462 18.20 15.91 19.52
CA ILE A 462 18.18 16.05 20.98
C ILE A 462 16.83 16.47 21.54
N VAL A 463 16.57 16.08 22.79
CA VAL A 463 15.34 16.44 23.46
C VAL A 463 15.68 17.08 24.80
N GLU A 464 14.78 17.94 25.28
CA GLU A 464 14.97 18.61 26.55
C GLU A 464 13.60 18.77 27.20
CL CL B . 12.64 -9.61 -9.24
CL CL C . 13.65 -4.09 -5.74
CA CA D . 26.97 13.16 15.00
NA NA E . 0.42 -8.60 13.20
NA NA F . -10.18 -12.84 2.15
#